data_1L4E
#
_entry.id   1L4E
#
_cell.length_a   71.920
_cell.length_b   89.970
_cell.length_c   47.610
_cell.angle_alpha   90.00
_cell.angle_beta   90.00
_cell.angle_gamma   90.00
#
_symmetry.space_group_name_H-M   'P 21 21 2'
#
loop_
_entity.id
_entity.type
_entity.pdbx_description
1 polymer 'Nicotinate-nucleotide--dimethylbenzimidazole phosphoribosyltransferase'
2 non-polymer "ALPHA-RIBAZOLE-5'-PHOSPHATE"
3 water water
#
_entity_poly.entity_id   1
_entity_poly.type   'polypeptide(L)'
_entity_poly.pdbx_seq_one_letter_code
;MQTLHALLRDIPAPDAEAMARTQQHIDGLLKPPGSLGRLETLAVQLAGMPGLNGTPQVGEKAVLVMCADHGVWDEGVAVS
PKIVTAIQAANMTRGTTGVCVLAAQAGAKVHVIDVGIDAEPIPGVVNMRVARGCGNIAVGPAMSRLQAEALLLEVSRYTC
DLAQRGVTLFGVGELGMANTTPAAAMVSVFTGSDAKEVVGIGANLPPSRIDNKVDVVRRAIAINQPNPRDGIDVLSKVGG
FDLVGMTGVMLGAARCGLPVLLDGFLSYSAALAACQIAPAVRPYLIPSHFSAEKGARIALAHLSMEPYLHMAMRLGEGSG
AALAMPIVEAACAMFHNMGELAASNIVLPEGNANAT
;
_entity_poly.pdbx_strand_id   A
#
loop_
_chem_comp.id
_chem_comp.type
_chem_comp.name
_chem_comp.formula
RBZ non-polymer ALPHA-RIBAZOLE-5'-PHOSPHATE 'C14 H19 N2 O7 P'
#
# COMPACT_ATOMS: atom_id res chain seq x y z
N THR A 3 9.96 10.35 17.91
CA THR A 3 10.18 8.94 18.34
C THR A 3 9.19 8.00 17.65
N LEU A 4 9.72 6.91 17.11
CA LEU A 4 8.90 5.94 16.41
C LEU A 4 8.02 5.19 17.42
N HIS A 5 8.52 5.04 18.64
CA HIS A 5 7.79 4.35 19.69
C HIS A 5 6.52 5.13 20.01
N ALA A 6 6.63 6.45 20.10
CA ALA A 6 5.47 7.30 20.39
C ALA A 6 4.46 7.16 19.27
N LEU A 7 4.95 7.24 18.04
CA LEU A 7 4.14 7.11 16.85
C LEU A 7 3.26 5.86 16.90
N LEU A 8 3.90 4.71 17.10
CA LEU A 8 3.20 3.44 17.12
C LEU A 8 2.24 3.36 18.30
N ARG A 9 2.60 4.00 19.40
CA ARG A 9 1.77 3.99 20.59
C ARG A 9 0.49 4.81 20.42
N ASP A 10 0.58 5.91 19.69
CA ASP A 10 -0.55 6.80 19.49
C ASP A 10 -1.51 6.52 18.33
N ILE A 11 -1.43 5.33 17.73
CA ILE A 11 -2.35 5.00 16.64
C ILE A 11 -3.69 4.76 17.30
N PRO A 12 -4.72 5.49 16.87
CA PRO A 12 -6.05 5.31 17.47
C PRO A 12 -6.79 4.03 17.10
N ALA A 13 -7.58 3.54 18.05
CA ALA A 13 -8.39 2.36 17.78
C ALA A 13 -9.62 2.93 17.06
N PRO A 14 -10.36 2.08 16.34
CA PRO A 14 -11.55 2.57 15.64
C PRO A 14 -12.67 2.94 16.62
N ASP A 15 -13.51 3.88 16.19
CA ASP A 15 -14.61 4.39 17.00
C ASP A 15 -15.84 3.49 16.87
N ALA A 16 -16.06 2.58 17.82
CA ALA A 16 -17.18 1.67 17.74
C ALA A 16 -18.53 2.39 17.80
N GLU A 17 -18.58 3.50 18.51
CA GLU A 17 -19.83 4.24 18.65
C GLU A 17 -20.28 4.81 17.32
N ALA A 18 -19.34 5.34 16.53
CA ALA A 18 -19.70 5.90 15.23
C ALA A 18 -20.07 4.76 14.29
N MET A 19 -19.39 3.63 14.42
CA MET A 19 -19.70 2.49 13.56
C MET A 19 -21.13 1.99 13.84
N ALA A 20 -21.56 1.98 15.10
CA ALA A 20 -22.90 1.53 15.44
C ALA A 20 -23.95 2.49 14.85
N ARG A 21 -23.71 3.80 14.96
CA ARG A 21 -24.66 4.75 14.41
C ARG A 21 -24.71 4.60 12.90
N THR A 22 -23.57 4.32 12.31
CA THR A 22 -23.51 4.17 10.87
C THR A 22 -24.32 2.97 10.40
N GLN A 23 -24.14 1.85 11.08
CA GLN A 23 -24.84 0.63 10.68
C GLN A 23 -26.36 0.82 10.77
N GLN A 24 -26.81 1.48 11.83
CA GLN A 24 -28.23 1.73 12.02
C GLN A 24 -28.77 2.55 10.85
N HIS A 25 -28.05 3.60 10.48
CA HIS A 25 -28.47 4.45 9.38
C HIS A 25 -28.54 3.69 8.05
N ILE A 26 -27.52 2.88 7.78
CA ILE A 26 -27.48 2.09 6.55
C ILE A 26 -28.65 1.10 6.49
N ASP A 27 -28.98 0.49 7.62
CA ASP A 27 -30.06 -0.48 7.64
C ASP A 27 -31.40 0.18 7.31
N GLY A 28 -31.54 1.46 7.61
CA GLY A 28 -32.77 2.17 7.34
C GLY A 28 -32.91 2.75 5.94
N LEU A 29 -31.91 2.56 5.09
CA LEU A 29 -31.97 3.10 3.73
C LEU A 29 -32.95 2.31 2.85
N LEU A 30 -33.36 2.94 1.74
CA LEU A 30 -34.31 2.40 0.78
C LEU A 30 -33.81 1.17 0.02
N LYS A 31 -33.76 0.05 0.71
CA LYS A 31 -33.26 -1.17 0.09
C LYS A 31 -33.39 -2.29 1.08
N PRO A 32 -33.42 -3.53 0.59
CA PRO A 32 -33.54 -4.61 1.56
C PRO A 32 -32.23 -4.58 2.37
N PRO A 33 -32.34 -4.78 3.69
CA PRO A 33 -31.18 -4.79 4.58
C PRO A 33 -30.07 -5.68 4.07
N GLY A 34 -28.86 -5.12 4.07
CA GLY A 34 -27.69 -5.82 3.61
C GLY A 34 -27.52 -6.05 2.12
N SER A 35 -28.45 -5.54 1.31
CA SER A 35 -28.39 -5.78 -0.13
C SER A 35 -27.22 -5.11 -0.85
N LEU A 36 -26.63 -4.08 -0.26
CA LEU A 36 -25.48 -3.45 -0.94
C LEU A 36 -24.15 -4.06 -0.47
N GLY A 37 -24.24 -5.21 0.20
CA GLY A 37 -23.07 -5.93 0.66
C GLY A 37 -21.81 -5.20 1.10
N ARG A 38 -20.72 -5.45 0.38
CA ARG A 38 -19.43 -4.86 0.73
C ARG A 38 -19.40 -3.33 0.72
N LEU A 39 -20.31 -2.71 -0.03
CA LEU A 39 -20.36 -1.26 -0.05
C LEU A 39 -20.86 -0.79 1.34
N GLU A 40 -21.69 -1.60 1.99
CA GLU A 40 -22.19 -1.22 3.32
C GLU A 40 -21.08 -1.42 4.37
N THR A 41 -20.37 -2.55 4.32
CA THR A 41 -19.33 -2.79 5.29
C THR A 41 -18.19 -1.77 5.11
N LEU A 42 -17.96 -1.32 3.88
CA LEU A 42 -16.94 -0.32 3.65
C LEU A 42 -17.33 1.00 4.33
N ALA A 43 -18.58 1.41 4.18
CA ALA A 43 -19.07 2.65 4.78
C ALA A 43 -18.91 2.61 6.31
N VAL A 44 -19.23 1.46 6.89
CA VAL A 44 -19.11 1.31 8.35
C VAL A 44 -17.64 1.37 8.75
N GLN A 45 -16.78 0.72 7.99
CA GLN A 45 -15.35 0.75 8.28
C GLN A 45 -14.86 2.21 8.33
N LEU A 46 -15.23 2.96 7.31
CA LEU A 46 -14.83 4.37 7.23
C LEU A 46 -15.37 5.19 8.42
N ALA A 47 -16.61 4.92 8.83
CA ALA A 47 -17.19 5.67 9.94
C ALA A 47 -16.39 5.51 11.22
N GLY A 48 -15.71 4.37 11.35
CA GLY A 48 -14.94 4.13 12.55
C GLY A 48 -13.57 4.78 12.61
N MET A 49 -13.11 5.33 11.48
CA MET A 49 -11.78 5.95 11.42
C MET A 49 -11.86 7.38 11.97
N PRO A 50 -11.24 7.63 13.15
CA PRO A 50 -11.26 8.93 13.79
C PRO A 50 -10.96 10.16 12.94
N GLY A 51 -10.07 10.05 11.97
CA GLY A 51 -9.78 11.21 11.14
C GLY A 51 -10.93 11.61 10.21
N LEU A 52 -11.96 10.78 10.12
CA LEU A 52 -13.08 11.09 9.24
C LEU A 52 -14.25 11.73 9.97
N ASN A 53 -14.07 12.04 11.24
CA ASN A 53 -15.14 12.72 11.96
C ASN A 53 -16.50 11.99 12.10
N GLY A 54 -16.45 10.70 12.45
CA GLY A 54 -17.65 9.91 12.68
C GLY A 54 -18.61 9.63 11.55
N THR A 55 -18.18 9.86 10.31
CA THR A 55 -19.04 9.64 9.18
C THR A 55 -18.24 9.24 7.93
N PRO A 56 -18.82 8.42 7.04
CA PRO A 56 -18.08 8.03 5.84
C PRO A 56 -17.98 9.28 4.95
N GLN A 57 -16.77 9.73 4.64
CA GLN A 57 -16.63 10.91 3.79
C GLN A 57 -15.28 10.92 3.12
N VAL A 58 -15.17 11.59 1.97
CA VAL A 58 -13.91 11.69 1.26
C VAL A 58 -13.69 13.14 0.86
N GLY A 59 -12.56 13.70 1.29
CA GLY A 59 -12.24 15.06 0.93
C GLY A 59 -11.25 15.01 -0.22
N GLU A 60 -10.04 15.48 0.02
CA GLU A 60 -9.02 15.42 -1.04
C GLU A 60 -8.42 14.03 -1.03
N LYS A 61 -7.96 13.59 -2.19
CA LYS A 61 -7.36 12.26 -2.32
C LYS A 61 -5.93 12.37 -2.80
N ALA A 62 -5.04 11.55 -2.27
CA ALA A 62 -3.66 11.58 -2.73
C ALA A 62 -3.07 10.19 -2.88
N VAL A 63 -2.22 10.03 -3.90
CA VAL A 63 -1.51 8.78 -4.10
C VAL A 63 -0.01 9.06 -3.93
N LEU A 64 0.63 8.38 -2.98
CA LEU A 64 2.05 8.55 -2.72
C LEU A 64 2.86 7.44 -3.39
N VAL A 65 3.71 7.81 -4.34
CA VAL A 65 4.52 6.85 -5.07
C VAL A 65 5.96 6.90 -4.61
N MET A 66 6.40 5.81 -3.97
CA MET A 66 7.76 5.69 -3.43
C MET A 66 8.68 5.10 -4.50
N CYS A 67 9.74 5.81 -4.84
CA CYS A 67 10.65 5.38 -5.89
C CYS A 67 12.05 5.10 -5.38
N ALA A 68 12.64 3.98 -5.79
CA ALA A 68 13.97 3.66 -5.34
C ALA A 68 14.56 2.51 -6.16
N ASP A 69 15.89 2.46 -6.21
CA ASP A 69 16.55 1.38 -6.93
C ASP A 69 17.06 0.37 -5.93
N HIS A 70 17.36 -0.82 -6.46
CA HIS A 70 17.78 -1.96 -5.64
C HIS A 70 19.08 -2.61 -6.13
N GLY A 71 19.96 -2.94 -5.19
CA GLY A 71 21.22 -3.56 -5.56
C GLY A 71 21.00 -4.93 -6.17
N VAL A 72 19.93 -5.62 -5.78
CA VAL A 72 19.65 -6.97 -6.29
C VAL A 72 19.42 -7.04 -7.80
N TRP A 73 19.30 -5.88 -8.42
CA TRP A 73 19.13 -5.81 -9.87
C TRP A 73 20.33 -6.47 -10.55
N ASP A 74 21.52 -6.33 -9.97
CA ASP A 74 22.71 -6.93 -10.54
C ASP A 74 22.66 -8.45 -10.64
N GLU A 75 21.71 -9.07 -9.94
CA GLU A 75 21.59 -10.52 -9.97
C GLU A 75 20.79 -11.01 -11.18
N GLY A 76 20.45 -10.10 -12.10
CA GLY A 76 19.70 -10.48 -13.27
C GLY A 76 18.26 -10.89 -13.04
N VAL A 77 17.59 -10.29 -12.05
CA VAL A 77 16.21 -10.61 -11.74
C VAL A 77 15.17 -9.69 -12.41
N ALA A 78 15.63 -8.74 -13.22
CA ALA A 78 14.75 -7.80 -13.90
C ALA A 78 15.22 -7.54 -15.32
N VAL A 79 14.29 -7.57 -16.27
CA VAL A 79 14.63 -7.36 -17.67
C VAL A 79 14.71 -5.89 -18.03
N SER A 80 14.05 -5.04 -17.25
CA SER A 80 14.06 -3.60 -17.53
C SER A 80 15.38 -2.96 -17.06
N PRO A 81 15.94 -2.05 -17.88
CA PRO A 81 17.19 -1.37 -17.52
C PRO A 81 16.98 -0.62 -16.19
N LYS A 82 18.04 -0.44 -15.43
CA LYS A 82 17.94 0.23 -14.14
C LYS A 82 17.49 1.68 -14.23
N ILE A 83 17.87 2.37 -15.30
CA ILE A 83 17.50 3.78 -15.48
C ILE A 83 16.01 4.03 -15.65
N VAL A 84 15.26 2.99 -16.02
CA VAL A 84 13.83 3.15 -16.20
C VAL A 84 13.20 3.71 -14.91
N THR A 85 13.78 3.42 -13.74
CA THR A 85 13.24 3.95 -12.48
C THR A 85 13.24 5.49 -12.52
N ALA A 86 14.41 6.06 -12.84
CA ALA A 86 14.57 7.51 -12.90
C ALA A 86 13.75 8.15 -14.02
N ILE A 87 13.69 7.48 -15.17
CA ILE A 87 12.91 8.00 -16.30
C ILE A 87 11.41 8.03 -15.98
N GLN A 88 10.90 6.93 -15.41
CA GLN A 88 9.49 6.86 -15.05
C GLN A 88 9.18 7.85 -13.93
N ALA A 89 10.13 8.04 -13.03
CA ALA A 89 9.90 8.96 -11.92
C ALA A 89 9.71 10.36 -12.52
N ALA A 90 10.51 10.67 -13.54
CA ALA A 90 10.41 11.95 -14.23
C ALA A 90 9.05 12.06 -14.91
N ASN A 91 8.63 10.99 -15.58
CA ASN A 91 7.34 11.00 -16.25
C ASN A 91 6.20 11.19 -15.25
N MET A 92 6.40 10.79 -14.01
CA MET A 92 5.37 10.96 -12.99
C MET A 92 5.08 12.46 -12.82
N THR A 93 6.10 13.29 -12.97
CA THR A 93 5.90 14.72 -12.81
C THR A 93 5.23 15.32 -14.05
N ARG A 94 5.23 14.59 -15.16
CA ARG A 94 4.59 15.08 -16.39
C ARG A 94 3.16 14.64 -16.55
N GLY A 95 2.72 13.73 -15.69
CA GLY A 95 1.34 13.25 -15.74
C GLY A 95 1.05 12.22 -16.81
N THR A 96 2.08 11.59 -17.35
CA THR A 96 1.87 10.63 -18.44
C THR A 96 1.90 9.16 -18.08
N THR A 97 2.18 8.84 -16.83
CA THR A 97 2.22 7.45 -16.42
C THR A 97 0.81 6.92 -16.14
N GLY A 98 0.74 5.60 -15.97
CA GLY A 98 -0.53 4.97 -15.66
C GLY A 98 -1.18 5.47 -14.37
N VAL A 99 -0.43 5.62 -13.27
CA VAL A 99 -1.08 6.11 -12.06
C VAL A 99 -1.55 7.54 -12.20
N CYS A 100 -0.80 8.34 -12.93
CA CYS A 100 -1.17 9.74 -13.15
C CYS A 100 -2.49 9.87 -13.88
N VAL A 101 -2.66 9.09 -14.93
CA VAL A 101 -3.89 9.13 -15.71
C VAL A 101 -5.10 8.63 -14.89
N LEU A 102 -4.92 7.57 -14.12
CA LEU A 102 -6.01 7.02 -13.33
C LEU A 102 -6.32 7.91 -12.12
N ALA A 103 -5.29 8.54 -11.54
CA ALA A 103 -5.50 9.43 -10.40
C ALA A 103 -6.29 10.66 -10.86
N ALA A 104 -5.95 11.20 -12.02
CA ALA A 104 -6.65 12.37 -12.56
C ALA A 104 -8.11 12.02 -12.78
N GLN A 105 -8.33 10.82 -13.31
CA GLN A 105 -9.67 10.34 -13.54
C GLN A 105 -10.45 10.29 -12.21
N ALA A 106 -9.77 9.93 -11.11
CA ALA A 106 -10.41 9.86 -9.79
C ALA A 106 -10.34 11.19 -9.00
N GLY A 107 -9.73 12.21 -9.58
CA GLY A 107 -9.63 13.50 -8.90
C GLY A 107 -8.64 13.49 -7.76
N ALA A 108 -7.63 12.66 -7.87
CA ALA A 108 -6.59 12.54 -6.86
C ALA A 108 -5.29 13.15 -7.33
N LYS A 109 -4.46 13.60 -6.41
CA LYS A 109 -3.17 14.16 -6.75
C LYS A 109 -2.09 13.13 -6.49
N VAL A 110 -1.09 13.08 -7.36
CA VAL A 110 0.00 12.14 -7.21
C VAL A 110 1.23 12.80 -6.62
N HIS A 111 1.73 12.24 -5.52
CA HIS A 111 2.95 12.76 -4.91
C HIS A 111 4.07 11.77 -5.21
N VAL A 112 5.08 12.20 -5.96
CA VAL A 112 6.21 11.34 -6.31
C VAL A 112 7.35 11.57 -5.33
N ILE A 113 7.74 10.51 -4.63
CA ILE A 113 8.77 10.62 -3.62
C ILE A 113 9.99 9.76 -3.91
N ASP A 114 11.16 10.39 -3.96
CA ASP A 114 12.39 9.68 -4.21
C ASP A 114 12.95 9.28 -2.84
N VAL A 115 12.96 7.97 -2.56
CA VAL A 115 13.50 7.50 -1.28
C VAL A 115 14.84 6.77 -1.49
N GLY A 116 15.28 6.67 -2.75
CA GLY A 116 16.54 6.00 -3.01
C GLY A 116 16.84 5.65 -4.45
N ILE A 117 16.52 6.55 -5.38
CA ILE A 117 16.79 6.31 -6.79
C ILE A 117 18.30 6.46 -7.05
N ASP A 118 18.88 5.55 -7.85
CA ASP A 118 20.30 5.55 -8.18
C ASP A 118 20.53 6.42 -9.44
N ALA A 119 20.43 7.73 -9.27
CA ALA A 119 20.61 8.69 -10.34
C ALA A 119 20.65 10.08 -9.71
N GLU A 120 20.92 11.08 -10.52
CA GLU A 120 20.94 12.44 -10.00
C GLU A 120 19.52 12.77 -9.60
N PRO A 121 19.35 13.73 -8.68
CA PRO A 121 18.04 14.17 -8.20
C PRO A 121 17.17 14.60 -9.37
N ILE A 122 15.87 14.39 -9.28
CA ILE A 122 14.97 14.77 -10.34
C ILE A 122 14.14 15.97 -9.87
N PRO A 123 14.21 17.08 -10.60
CA PRO A 123 13.45 18.28 -10.22
C PRO A 123 11.96 17.94 -10.20
N GLY A 124 11.23 18.46 -9.23
CA GLY A 124 9.82 18.18 -9.16
C GLY A 124 9.47 17.00 -8.28
N VAL A 125 10.46 16.16 -7.97
CA VAL A 125 10.22 14.99 -7.13
C VAL A 125 10.59 15.30 -5.67
N VAL A 126 9.75 14.85 -4.74
CA VAL A 126 10.01 15.08 -3.32
C VAL A 126 11.27 14.30 -2.95
N ASN A 127 12.25 14.99 -2.40
CA ASN A 127 13.49 14.35 -2.06
C ASN A 127 13.58 13.83 -0.62
N MET A 128 13.64 12.51 -0.49
CA MET A 128 13.79 11.86 0.80
C MET A 128 14.75 10.68 0.63
N ARG A 129 15.66 10.79 -0.32
CA ARG A 129 16.57 9.67 -0.59
C ARG A 129 17.51 9.26 0.51
N VAL A 130 17.57 7.95 0.75
CA VAL A 130 18.43 7.44 1.79
C VAL A 130 19.82 7.23 1.20
N ALA A 131 19.87 6.67 0.00
CA ALA A 131 21.13 6.42 -0.70
C ALA A 131 20.81 6.17 -2.16
N ARG A 132 21.84 6.04 -2.99
CA ARG A 132 21.60 5.76 -4.39
C ARG A 132 21.38 4.26 -4.58
N GLY A 133 20.17 3.81 -4.28
CA GLY A 133 19.85 2.40 -4.40
C GLY A 133 20.22 1.70 -3.10
N CYS A 134 19.51 0.64 -2.72
CA CYS A 134 19.82 -0.08 -1.49
C CYS A 134 20.82 -1.19 -1.79
N GLY A 135 21.35 -1.82 -0.74
CA GLY A 135 22.31 -2.90 -0.94
C GLY A 135 21.68 -4.13 -1.57
N ASN A 136 22.52 -4.93 -2.24
CA ASN A 136 22.11 -6.17 -2.91
C ASN A 136 21.74 -7.21 -1.84
N ILE A 137 20.45 -7.47 -1.66
CA ILE A 137 20.03 -8.40 -0.62
C ILE A 137 20.54 -9.84 -0.76
N ALA A 138 21.04 -10.18 -1.94
CA ALA A 138 21.55 -11.53 -2.15
C ALA A 138 22.85 -11.82 -1.40
N VAL A 139 23.56 -10.77 -1.01
CA VAL A 139 24.82 -10.94 -0.30
C VAL A 139 24.87 -10.21 1.04
N GLY A 140 23.79 -9.53 1.39
CA GLY A 140 23.78 -8.81 2.65
C GLY A 140 22.48 -8.07 2.83
N PRO A 141 22.41 -7.14 3.80
CA PRO A 141 21.19 -6.39 4.03
C PRO A 141 20.98 -5.24 3.06
N ALA A 142 19.73 -4.86 2.89
CA ALA A 142 19.36 -3.77 2.01
C ALA A 142 19.78 -2.44 2.64
N MET A 143 19.76 -2.39 3.97
CA MET A 143 20.09 -1.17 4.71
C MET A 143 20.25 -1.47 6.20
N SER A 144 20.63 -0.46 6.98
CA SER A 144 20.78 -0.61 8.43
C SER A 144 19.40 -0.40 9.06
N ARG A 145 19.22 -0.93 10.27
CA ARG A 145 17.97 -0.78 10.97
C ARG A 145 17.71 0.70 11.21
N LEU A 146 18.77 1.43 11.51
CA LEU A 146 18.66 2.86 11.76
C LEU A 146 18.09 3.57 10.54
N GLN A 147 18.55 3.21 9.35
CA GLN A 147 18.05 3.85 8.13
C GLN A 147 16.58 3.51 7.89
N ALA A 148 16.18 2.29 8.22
CA ALA A 148 14.80 1.93 8.00
C ALA A 148 13.90 2.71 8.96
N GLU A 149 14.23 2.73 10.24
CA GLU A 149 13.41 3.47 11.21
C GLU A 149 13.33 4.96 10.88
N ALA A 150 14.43 5.53 10.41
CA ALA A 150 14.43 6.95 10.09
C ALA A 150 13.49 7.26 8.91
N LEU A 151 13.51 6.42 7.88
CA LEU A 151 12.64 6.64 6.75
C LEU A 151 11.15 6.46 7.15
N LEU A 152 10.87 5.45 7.96
CA LEU A 152 9.51 5.21 8.41
C LEU A 152 8.96 6.46 9.06
N LEU A 153 9.78 7.06 9.93
CA LEU A 153 9.40 8.26 10.66
C LEU A 153 9.14 9.44 9.75
N GLU A 154 10.09 9.72 8.87
CA GLU A 154 9.93 10.84 7.95
C GLU A 154 8.73 10.69 7.02
N VAL A 155 8.54 9.50 6.45
CA VAL A 155 7.40 9.30 5.56
C VAL A 155 6.09 9.39 6.34
N SER A 156 6.05 8.81 7.55
CA SER A 156 4.87 8.84 8.41
C SER A 156 4.46 10.28 8.71
N ARG A 157 5.45 11.13 8.93
CA ARG A 157 5.18 12.52 9.24
C ARG A 157 4.64 13.28 8.01
N TYR A 158 5.29 13.06 6.88
CA TYR A 158 4.87 13.69 5.64
C TYR A 158 3.42 13.31 5.34
N THR A 159 3.12 12.06 5.55
CA THR A 159 1.78 11.56 5.29
C THR A 159 0.71 12.23 6.16
N CYS A 160 0.91 12.23 7.48
CA CYS A 160 -0.09 12.81 8.36
C CYS A 160 -0.12 14.34 8.16
N ASP A 161 0.99 14.93 7.69
CA ASP A 161 1.04 16.36 7.43
C ASP A 161 0.04 16.70 6.30
N LEU A 162 -0.05 15.84 5.28
CA LEU A 162 -1.01 16.07 4.19
C LEU A 162 -2.43 16.11 4.72
N ALA A 163 -2.67 15.35 5.79
CA ALA A 163 -3.98 15.32 6.39
C ALA A 163 -4.39 16.74 6.76
N GLN A 164 -3.42 17.56 7.14
CA GLN A 164 -3.71 18.94 7.50
C GLN A 164 -4.06 19.77 6.27
N ARG A 165 -3.78 19.24 5.08
CA ARG A 165 -4.06 19.95 3.84
C ARG A 165 -5.44 19.55 3.29
N GLY A 166 -6.19 18.78 4.05
CA GLY A 166 -7.50 18.36 3.60
C GLY A 166 -7.56 16.96 3.02
N VAL A 167 -6.43 16.27 2.93
CA VAL A 167 -6.43 14.92 2.39
C VAL A 167 -7.05 13.95 3.41
N THR A 168 -8.01 13.15 2.97
CA THR A 168 -8.66 12.21 3.87
C THR A 168 -8.56 10.78 3.37
N LEU A 169 -8.06 10.59 2.16
CA LEU A 169 -7.93 9.24 1.58
C LEU A 169 -6.61 9.09 0.85
N PHE A 170 -5.82 8.11 1.27
CA PHE A 170 -4.53 7.89 0.65
C PHE A 170 -4.51 6.62 -0.18
N GLY A 171 -3.56 6.59 -1.11
CA GLY A 171 -3.32 5.44 -1.96
C GLY A 171 -1.82 5.29 -1.92
N VAL A 172 -1.31 4.06 -1.87
CA VAL A 172 0.13 3.82 -1.85
C VAL A 172 0.60 3.18 -3.15
N GLY A 173 1.81 3.55 -3.56
CA GLY A 173 2.36 3.01 -4.79
C GLY A 173 3.89 2.99 -4.78
N GLU A 174 4.47 2.38 -5.79
CA GLU A 174 5.91 2.29 -5.87
C GLU A 174 6.43 2.29 -7.30
N LEU A 175 7.74 2.47 -7.40
CA LEU A 175 8.44 2.49 -8.67
C LEU A 175 9.90 2.09 -8.39
N GLY A 176 10.33 0.96 -8.93
CA GLY A 176 11.71 0.55 -8.71
C GLY A 176 12.01 -0.74 -9.44
N MET A 177 12.91 -0.68 -10.42
CA MET A 177 13.26 -1.89 -11.17
C MET A 177 13.81 -2.94 -10.19
N ALA A 178 13.34 -4.16 -10.37
CA ALA A 178 13.70 -5.33 -9.55
C ALA A 178 12.99 -5.40 -8.22
N ASN A 179 12.05 -4.50 -7.92
CA ASN A 179 11.44 -4.59 -6.60
C ASN A 179 10.50 -5.76 -6.33
N THR A 180 10.15 -6.57 -7.32
CA THR A 180 9.27 -7.70 -7.00
C THR A 180 10.10 -8.80 -6.36
N THR A 181 11.43 -8.66 -6.39
CA THR A 181 12.28 -9.66 -5.75
C THR A 181 12.25 -9.48 -4.23
N PRO A 182 12.61 -8.27 -3.71
CA PRO A 182 12.52 -8.17 -2.24
C PRO A 182 11.09 -8.36 -1.75
N ALA A 183 10.11 -7.95 -2.55
CA ALA A 183 8.72 -8.12 -2.16
C ALA A 183 8.43 -9.60 -1.95
N ALA A 184 8.94 -10.46 -2.83
CA ALA A 184 8.73 -11.90 -2.68
C ALA A 184 9.47 -12.44 -1.45
N ALA A 185 10.70 -11.97 -1.24
CA ALA A 185 11.48 -12.39 -0.08
C ALA A 185 10.68 -12.10 1.20
N MET A 186 10.17 -10.87 1.32
CA MET A 186 9.39 -10.49 2.49
C MET A 186 8.15 -11.35 2.67
N VAL A 187 7.38 -11.54 1.61
CA VAL A 187 6.20 -12.35 1.70
C VAL A 187 6.53 -13.78 2.13
N SER A 188 7.60 -14.34 1.59
CA SER A 188 7.99 -15.69 1.98
C SER A 188 8.26 -15.77 3.49
N VAL A 189 9.02 -14.81 4.01
CA VAL A 189 9.37 -14.74 5.42
C VAL A 189 8.16 -14.53 6.34
N PHE A 190 7.32 -13.57 6.01
CA PHE A 190 6.14 -13.31 6.85
C PHE A 190 5.11 -14.43 6.84
N THR A 191 4.91 -15.08 5.71
CA THR A 191 3.91 -16.14 5.62
C THR A 191 4.47 -17.54 5.80
N GLY A 192 5.78 -17.68 5.76
CA GLY A 192 6.37 -18.99 5.90
C GLY A 192 6.18 -19.84 4.66
N SER A 193 5.90 -19.19 3.52
CA SER A 193 5.73 -19.92 2.26
C SER A 193 7.06 -20.06 1.53
N ASP A 194 7.18 -21.10 0.71
CA ASP A 194 8.40 -21.31 -0.04
C ASP A 194 8.52 -20.25 -1.14
N ALA A 195 9.75 -19.87 -1.49
CA ALA A 195 9.99 -18.87 -2.52
C ALA A 195 9.31 -19.16 -3.84
N LYS A 196 9.34 -20.42 -4.25
CA LYS A 196 8.75 -20.82 -5.52
C LYS A 196 7.27 -20.43 -5.60
N GLU A 197 6.57 -20.51 -4.48
CA GLU A 197 5.14 -20.17 -4.45
C GLU A 197 4.84 -18.67 -4.49
N VAL A 198 5.84 -17.84 -4.25
CA VAL A 198 5.62 -16.41 -4.20
C VAL A 198 6.37 -15.55 -5.19
N VAL A 199 7.30 -16.15 -5.94
CA VAL A 199 8.07 -15.39 -6.91
C VAL A 199 7.33 -15.35 -8.24
N GLY A 200 6.97 -14.13 -8.67
CA GLY A 200 6.26 -13.95 -9.93
C GLY A 200 7.14 -13.47 -11.07
N ILE A 201 6.53 -13.14 -12.21
CA ILE A 201 7.27 -12.68 -13.39
C ILE A 201 7.56 -11.17 -13.37
N GLY A 202 7.03 -10.47 -12.37
CA GLY A 202 7.27 -9.03 -12.28
C GLY A 202 6.99 -8.35 -13.62
N ALA A 203 7.88 -7.46 -14.05
CA ALA A 203 7.70 -6.75 -15.30
C ALA A 203 8.13 -7.62 -16.48
N ASN A 204 7.29 -8.60 -16.79
CA ASN A 204 7.52 -9.53 -17.89
C ASN A 204 8.88 -10.21 -17.90
N LEU A 205 9.22 -10.89 -16.80
CA LEU A 205 10.48 -11.62 -16.76
C LEU A 205 10.23 -12.93 -17.53
N PRO A 206 11.12 -13.32 -18.45
CA PRO A 206 10.94 -14.57 -19.21
C PRO A 206 10.87 -15.77 -18.28
N PRO A 207 10.06 -16.76 -18.66
CA PRO A 207 9.88 -17.95 -17.83
C PRO A 207 11.18 -18.70 -17.55
N SER A 208 12.13 -18.63 -18.47
CA SER A 208 13.38 -19.32 -18.28
C SER A 208 14.30 -18.64 -17.27
N ARG A 209 13.95 -17.43 -16.86
CA ARG A 209 14.78 -16.69 -15.89
C ARG A 209 14.20 -16.75 -14.48
N ILE A 210 13.04 -17.38 -14.32
CA ILE A 210 12.39 -17.46 -13.03
C ILE A 210 13.19 -18.28 -12.01
N ASP A 211 13.78 -19.38 -12.46
CA ASP A 211 14.56 -20.22 -11.58
C ASP A 211 15.61 -19.39 -10.85
N ASN A 212 16.32 -18.55 -11.60
CA ASN A 212 17.33 -17.72 -10.99
C ASN A 212 16.72 -16.80 -9.93
N LYS A 213 15.54 -16.26 -10.23
CA LYS A 213 14.89 -15.35 -9.30
C LYS A 213 14.58 -16.05 -8.00
N VAL A 214 14.05 -17.26 -8.08
CA VAL A 214 13.74 -18.04 -6.89
C VAL A 214 15.03 -18.29 -6.09
N ASP A 215 16.11 -18.62 -6.79
CA ASP A 215 17.41 -18.87 -6.17
C ASP A 215 17.92 -17.65 -5.37
N VAL A 216 17.82 -16.48 -5.98
CA VAL A 216 18.25 -15.24 -5.36
C VAL A 216 17.44 -14.94 -4.10
N VAL A 217 16.13 -15.18 -4.17
CA VAL A 217 15.26 -14.94 -3.03
C VAL A 217 15.68 -15.86 -1.88
N ARG A 218 15.93 -17.14 -2.15
CA ARG A 218 16.34 -18.05 -1.07
C ARG A 218 17.66 -17.64 -0.43
N ARG A 219 18.62 -17.22 -1.27
CA ARG A 219 19.93 -16.78 -0.79
C ARG A 219 19.79 -15.56 0.10
N ALA A 220 18.95 -14.61 -0.32
CA ALA A 220 18.74 -13.40 0.47
C ALA A 220 18.29 -13.79 1.88
N ILE A 221 17.34 -14.70 1.96
CA ILE A 221 16.84 -15.14 3.26
C ILE A 221 17.89 -15.92 4.06
N ALA A 222 18.52 -16.90 3.44
CA ALA A 222 19.55 -17.69 4.13
C ALA A 222 20.68 -16.79 4.63
N ILE A 223 21.16 -15.89 3.77
CA ILE A 223 22.25 -15.00 4.16
C ILE A 223 21.88 -13.98 5.25
N ASN A 224 20.71 -13.36 5.17
CA ASN A 224 20.32 -12.36 6.16
C ASN A 224 19.59 -12.86 7.39
N GLN A 225 18.93 -14.01 7.28
CA GLN A 225 18.20 -14.55 8.42
C GLN A 225 17.33 -13.53 9.13
N PRO A 226 16.38 -12.91 8.41
CA PRO A 226 15.50 -11.92 9.03
C PRO A 226 14.52 -12.55 10.03
N ASN A 227 14.23 -11.83 11.11
CA ASN A 227 13.30 -12.32 12.14
C ASN A 227 11.88 -11.94 11.74
N PRO A 228 11.07 -12.93 11.34
CA PRO A 228 9.69 -12.72 10.92
C PRO A 228 8.79 -12.03 11.94
N ARG A 229 9.17 -12.09 13.22
CA ARG A 229 8.36 -11.46 14.24
C ARG A 229 8.72 -9.99 14.39
N ASP A 230 9.77 -9.55 13.69
CA ASP A 230 10.20 -8.17 13.76
C ASP A 230 10.09 -7.55 12.38
N GLY A 231 8.97 -6.89 12.10
CA GLY A 231 8.76 -6.28 10.80
C GLY A 231 9.86 -5.35 10.32
N ILE A 232 10.47 -4.59 11.22
CA ILE A 232 11.54 -3.67 10.82
C ILE A 232 12.80 -4.44 10.42
N ASP A 233 13.08 -5.52 11.14
CA ASP A 233 14.24 -6.35 10.83
C ASP A 233 14.07 -6.89 9.41
N VAL A 234 12.88 -7.39 9.11
CA VAL A 234 12.62 -7.94 7.80
C VAL A 234 12.79 -6.89 6.70
N LEU A 235 12.21 -5.71 6.89
CA LEU A 235 12.30 -4.63 5.91
C LEU A 235 13.73 -4.20 5.65
N SER A 236 14.52 -4.01 6.70
CA SER A 236 15.88 -3.54 6.54
C SER A 236 16.81 -4.59 5.94
N LYS A 237 16.51 -5.87 6.15
CA LYS A 237 17.36 -6.94 5.63
C LYS A 237 17.06 -7.40 4.22
N VAL A 238 15.81 -7.75 3.94
CA VAL A 238 15.44 -8.23 2.61
C VAL A 238 14.42 -7.33 1.91
N GLY A 239 14.23 -6.11 2.44
CA GLY A 239 13.29 -5.20 1.81
C GLY A 239 14.00 -4.23 0.86
N GLY A 240 13.55 -2.98 0.81
CA GLY A 240 14.14 -1.95 -0.05
C GLY A 240 13.62 -0.60 0.43
N PHE A 241 14.21 0.51 -0.04
CA PHE A 241 13.75 1.84 0.42
C PHE A 241 12.30 2.10 0.04
N ASP A 242 11.90 1.67 -1.15
CA ASP A 242 10.53 1.85 -1.59
C ASP A 242 9.54 1.08 -0.71
N LEU A 243 9.90 -0.14 -0.34
CA LEU A 243 9.03 -0.95 0.54
C LEU A 243 8.90 -0.25 1.87
N VAL A 244 10.02 0.24 2.40
CA VAL A 244 9.99 0.94 3.66
C VAL A 244 9.07 2.16 3.54
N GLY A 245 9.23 2.93 2.47
CA GLY A 245 8.37 4.09 2.32
C GLY A 245 6.88 3.75 2.33
N MET A 246 6.52 2.69 1.62
CA MET A 246 5.11 2.29 1.56
C MET A 246 4.58 1.94 2.96
N THR A 247 5.38 1.20 3.71
CA THR A 247 5.03 0.83 5.08
C THR A 247 4.84 2.14 5.88
N GLY A 248 5.71 3.12 5.64
CA GLY A 248 5.61 4.39 6.34
C GLY A 248 4.32 5.18 6.06
N VAL A 249 3.81 5.06 4.84
CA VAL A 249 2.56 5.74 4.53
C VAL A 249 1.44 5.09 5.33
N MET A 250 1.45 3.77 5.40
CA MET A 250 0.43 3.04 6.15
C MET A 250 0.47 3.40 7.63
N LEU A 251 1.66 3.53 8.19
CA LEU A 251 1.75 3.87 9.62
C LEU A 251 1.32 5.31 9.83
N GLY A 252 1.66 6.20 8.88
CA GLY A 252 1.29 7.59 9.01
C GLY A 252 -0.21 7.82 8.93
N ALA A 253 -0.85 7.14 7.99
CA ALA A 253 -2.29 7.28 7.81
C ALA A 253 -3.03 6.74 9.03
N ALA A 254 -2.58 5.58 9.53
CA ALA A 254 -3.19 4.98 10.71
C ALA A 254 -3.07 5.91 11.94
N ARG A 255 -1.89 6.51 12.10
CA ARG A 255 -1.65 7.42 13.22
C ARG A 255 -2.61 8.62 13.13
N CYS A 256 -2.82 9.05 11.88
CA CYS A 256 -3.69 10.15 11.50
C CYS A 256 -5.17 9.72 11.54
N GLY A 257 -5.39 8.43 11.74
CA GLY A 257 -6.74 7.90 11.79
C GLY A 257 -7.46 7.98 10.46
N LEU A 258 -6.71 7.83 9.37
CA LEU A 258 -7.29 7.91 8.04
C LEU A 258 -7.07 6.62 7.23
N PRO A 259 -7.91 6.39 6.22
CA PRO A 259 -7.83 5.20 5.35
C PRO A 259 -6.75 5.24 4.28
N VAL A 260 -6.23 4.06 3.97
CA VAL A 260 -5.20 3.90 2.95
C VAL A 260 -5.58 2.75 2.04
N LEU A 261 -5.58 3.00 0.74
CA LEU A 261 -5.90 2.00 -0.24
C LEU A 261 -4.60 1.31 -0.67
N LEU A 262 -4.59 -0.01 -0.62
CA LEU A 262 -3.44 -0.79 -1.06
C LEU A 262 -3.50 -0.85 -2.59
N ASP A 263 -2.44 -1.37 -3.20
CA ASP A 263 -2.34 -1.51 -4.64
C ASP A 263 -2.20 -3.00 -4.98
N GLY A 264 -1.02 -3.39 -5.46
CA GLY A 264 -0.78 -4.77 -5.80
C GLY A 264 0.17 -5.50 -4.85
N PHE A 265 0.88 -6.49 -5.39
CA PHE A 265 1.83 -7.33 -4.62
C PHE A 265 2.86 -6.57 -3.79
N LEU A 266 3.50 -5.57 -4.37
CA LEU A 266 4.47 -4.80 -3.62
C LEU A 266 3.81 -4.24 -2.36
N SER A 267 2.62 -3.65 -2.53
CA SER A 267 1.92 -3.09 -1.41
C SER A 267 1.48 -4.12 -0.39
N TYR A 268 1.15 -5.34 -0.81
CA TYR A 268 0.73 -6.38 0.15
C TYR A 268 1.93 -6.72 1.04
N SER A 269 3.12 -6.70 0.45
CA SER A 269 4.34 -7.01 1.17
C SER A 269 4.54 -5.94 2.24
N ALA A 270 4.38 -4.69 1.85
CA ALA A 270 4.55 -3.57 2.80
C ALA A 270 3.46 -3.61 3.88
N ALA A 271 2.24 -4.04 3.52
CA ALA A 271 1.19 -4.12 4.54
C ALA A 271 1.46 -5.26 5.54
N LEU A 272 2.04 -6.37 5.08
CA LEU A 272 2.35 -7.46 6.00
C LEU A 272 3.34 -6.92 7.05
N ALA A 273 4.34 -6.18 6.59
CA ALA A 273 5.32 -5.58 7.49
C ALA A 273 4.64 -4.60 8.46
N ALA A 274 3.88 -3.66 7.92
CA ALA A 274 3.20 -2.67 8.75
C ALA A 274 2.33 -3.31 9.85
N CYS A 275 1.59 -4.35 9.50
CA CYS A 275 0.74 -5.00 10.51
C CYS A 275 1.57 -5.80 11.50
N GLN A 276 2.76 -6.22 11.09
CA GLN A 276 3.62 -6.98 12.00
C GLN A 276 4.16 -6.00 13.03
N ILE A 277 4.52 -4.81 12.56
CA ILE A 277 5.06 -3.75 13.40
C ILE A 277 4.01 -3.22 14.35
N ALA A 278 2.81 -2.94 13.83
CA ALA A 278 1.73 -2.40 14.64
C ALA A 278 0.40 -2.94 14.16
N PRO A 279 -0.15 -3.95 14.85
CA PRO A 279 -1.43 -4.53 14.45
C PRO A 279 -2.55 -3.50 14.40
N ALA A 280 -2.41 -2.42 15.15
CA ALA A 280 -3.43 -1.39 15.15
C ALA A 280 -3.59 -0.72 13.77
N VAL A 281 -2.66 -0.98 12.85
CA VAL A 281 -2.77 -0.38 11.51
C VAL A 281 -3.84 -1.03 10.63
N ARG A 282 -4.10 -2.31 10.88
CA ARG A 282 -5.04 -3.11 10.09
C ARG A 282 -6.39 -2.51 9.73
N PRO A 283 -7.13 -1.98 10.72
CA PRO A 283 -8.44 -1.40 10.42
C PRO A 283 -8.45 -0.20 9.47
N TYR A 284 -7.29 0.37 9.19
CA TYR A 284 -7.22 1.52 8.29
C TYR A 284 -6.91 1.16 6.85
N LEU A 285 -6.51 -0.08 6.62
CA LEU A 285 -6.17 -0.58 5.28
C LEU A 285 -7.39 -1.01 4.48
N ILE A 286 -7.43 -0.61 3.22
CA ILE A 286 -8.52 -0.98 2.34
C ILE A 286 -7.91 -1.59 1.08
N PRO A 287 -8.36 -2.79 0.71
CA PRO A 287 -7.82 -3.41 -0.50
C PRO A 287 -8.41 -2.75 -1.75
N SER A 288 -7.68 -2.78 -2.87
CA SER A 288 -8.19 -2.22 -4.11
C SER A 288 -8.47 -3.37 -5.08
N HIS A 289 -7.41 -3.90 -5.68
CA HIS A 289 -7.59 -4.98 -6.62
C HIS A 289 -6.80 -6.22 -6.24
N PHE A 290 -7.09 -7.29 -6.98
CA PHE A 290 -6.45 -8.57 -6.80
C PHE A 290 -5.39 -8.68 -7.91
N SER A 291 -4.14 -8.38 -7.54
CA SER A 291 -2.98 -8.43 -8.44
C SER A 291 -2.79 -9.76 -9.18
N ALA A 292 -2.34 -9.69 -10.43
CA ALA A 292 -2.09 -10.90 -11.22
C ALA A 292 -0.72 -11.53 -10.87
N GLU A 293 -0.06 -11.02 -9.84
CA GLU A 293 1.23 -11.53 -9.41
C GLU A 293 1.03 -12.90 -8.72
N LYS A 294 1.92 -13.84 -8.97
CA LYS A 294 1.83 -15.18 -8.41
C LYS A 294 1.59 -15.28 -6.88
N GLY A 295 2.33 -14.50 -6.10
CA GLY A 295 2.16 -14.57 -4.65
C GLY A 295 1.01 -13.75 -4.06
N ALA A 296 0.21 -13.13 -4.91
CA ALA A 296 -0.89 -12.31 -4.41
C ALA A 296 -1.89 -13.04 -3.52
N ARG A 297 -2.34 -14.21 -3.96
CA ARG A 297 -3.31 -14.97 -3.18
C ARG A 297 -2.85 -15.27 -1.76
N ILE A 298 -1.59 -15.66 -1.61
CA ILE A 298 -1.02 -15.99 -0.29
C ILE A 298 -0.90 -14.76 0.59
N ALA A 299 -0.41 -13.67 0.03
CA ALA A 299 -0.24 -12.44 0.79
C ALA A 299 -1.59 -11.93 1.29
N LEU A 300 -2.60 -11.93 0.42
CA LEU A 300 -3.92 -11.45 0.79
C LEU A 300 -4.58 -12.32 1.85
N ALA A 301 -4.37 -13.63 1.77
CA ALA A 301 -4.95 -14.55 2.76
C ALA A 301 -4.37 -14.26 4.13
N HIS A 302 -3.08 -13.93 4.18
CA HIS A 302 -2.47 -13.65 5.46
C HIS A 302 -2.89 -12.30 6.01
N LEU A 303 -3.37 -11.41 5.15
CA LEU A 303 -3.85 -10.10 5.60
C LEU A 303 -5.36 -10.18 5.82
N SER A 304 -5.95 -11.33 5.47
CA SER A 304 -7.39 -11.56 5.56
C SER A 304 -8.13 -10.49 4.78
N MET A 305 -7.70 -10.26 3.55
CA MET A 305 -8.31 -9.25 2.70
C MET A 305 -8.87 -9.83 1.42
N GLU A 306 -9.99 -9.28 0.97
CA GLU A 306 -10.61 -9.71 -0.27
C GLU A 306 -10.81 -8.47 -1.14
N PRO A 307 -9.94 -8.23 -2.12
CA PRO A 307 -10.05 -7.05 -3.00
C PRO A 307 -11.41 -6.91 -3.69
N TYR A 308 -11.73 -5.69 -4.06
CA TYR A 308 -12.99 -5.39 -4.73
C TYR A 308 -12.89 -5.57 -6.25
N LEU A 309 -11.72 -5.26 -6.79
CA LEU A 309 -11.49 -5.32 -8.22
C LEU A 309 -10.66 -6.49 -8.72
N HIS A 310 -11.17 -7.19 -9.72
CA HIS A 310 -10.45 -8.31 -10.35
C HIS A 310 -10.18 -7.84 -11.78
N MET A 311 -9.03 -7.19 -11.98
CA MET A 311 -8.66 -6.64 -13.29
C MET A 311 -7.43 -7.26 -13.94
N ALA A 312 -6.85 -8.30 -13.31
CA ALA A 312 -5.64 -8.97 -13.79
C ALA A 312 -4.54 -7.93 -14.01
N MET A 313 -4.54 -6.90 -13.17
CA MET A 313 -3.55 -5.84 -13.27
C MET A 313 -2.25 -6.18 -12.54
N ARG A 314 -1.13 -5.74 -13.12
CA ARG A 314 0.19 -6.01 -12.54
C ARG A 314 1.18 -4.90 -12.89
N LEU A 315 0.68 -3.67 -13.01
CA LEU A 315 1.53 -2.53 -13.36
C LEU A 315 2.23 -1.94 -12.16
N GLY A 316 1.52 -1.81 -11.05
CA GLY A 316 2.11 -1.20 -9.87
C GLY A 316 1.90 0.31 -9.96
N GLU A 317 2.77 1.08 -9.32
CA GLU A 317 2.70 2.55 -9.32
C GLU A 317 1.58 3.14 -8.47
N GLY A 318 0.68 2.28 -7.98
CA GLY A 318 -0.46 2.76 -7.23
C GLY A 318 -1.65 2.90 -8.17
N SER A 319 -1.53 2.31 -9.35
CA SER A 319 -2.60 2.38 -10.34
C SER A 319 -3.89 1.71 -9.87
N GLY A 320 -3.76 0.62 -9.10
CA GLY A 320 -4.93 -0.08 -8.59
C GLY A 320 -5.63 0.73 -7.51
N ALA A 321 -4.83 1.38 -6.67
CA ALA A 321 -5.35 2.21 -5.60
C ALA A 321 -6.20 3.34 -6.20
N ALA A 322 -5.69 3.98 -7.25
CA ALA A 322 -6.42 5.07 -7.88
C ALA A 322 -7.72 4.60 -8.49
N LEU A 323 -7.70 3.40 -9.07
CA LEU A 323 -8.88 2.85 -9.71
C LEU A 323 -10.00 2.56 -8.73
N ALA A 324 -9.65 2.23 -7.50
CA ALA A 324 -10.66 1.93 -6.49
C ALA A 324 -11.19 3.15 -5.75
N MET A 325 -10.55 4.31 -5.89
CA MET A 325 -11.05 5.48 -5.18
C MET A 325 -12.53 5.77 -5.43
N PRO A 326 -13.01 5.61 -6.67
CA PRO A 326 -14.44 5.88 -6.95
C PRO A 326 -15.35 4.97 -6.12
N ILE A 327 -14.86 3.79 -5.78
CA ILE A 327 -15.65 2.85 -4.99
C ILE A 327 -15.84 3.39 -3.57
N VAL A 328 -14.76 3.94 -3.01
CA VAL A 328 -14.84 4.52 -1.67
C VAL A 328 -15.82 5.70 -1.70
N GLU A 329 -15.75 6.51 -2.74
CA GLU A 329 -16.68 7.62 -2.84
C GLU A 329 -18.12 7.13 -3.02
N ALA A 330 -18.29 5.99 -3.69
CA ALA A 330 -19.62 5.42 -3.88
C ALA A 330 -20.27 5.02 -2.55
N ALA A 331 -19.48 4.44 -1.65
CA ALA A 331 -20.00 4.03 -0.35
C ALA A 331 -20.44 5.24 0.46
N CYS A 332 -19.74 6.36 0.26
CA CYS A 332 -20.08 7.58 0.99
C CYS A 332 -21.36 8.17 0.43
N ALA A 333 -21.48 8.19 -0.89
CA ALA A 333 -22.66 8.72 -1.57
C ALA A 333 -23.90 7.92 -1.15
N MET A 334 -23.77 6.59 -1.14
CA MET A 334 -24.88 5.74 -0.72
C MET A 334 -25.36 6.19 0.65
N PHE A 335 -24.43 6.21 1.60
CA PHE A 335 -24.69 6.59 2.98
C PHE A 335 -25.39 7.93 3.15
N HIS A 336 -24.87 8.95 2.48
CA HIS A 336 -25.40 10.30 2.62
C HIS A 336 -26.56 10.69 1.73
N ASN A 337 -26.67 10.07 0.56
CA ASN A 337 -27.70 10.46 -0.38
C ASN A 337 -28.93 9.57 -0.56
N MET A 338 -28.88 8.30 -0.12
CA MET A 338 -30.06 7.46 -0.30
C MET A 338 -31.22 7.86 0.58
N GLY A 339 -32.43 7.55 0.13
CA GLY A 339 -33.62 7.86 0.91
C GLY A 339 -33.83 6.80 1.96
N GLU A 340 -34.85 6.96 2.79
CA GLU A 340 -35.12 6.00 3.85
C GLU A 340 -36.47 5.29 3.71
N LEU A 341 -36.50 4.04 4.12
CA LEU A 341 -37.69 3.20 4.06
C LEU A 341 -38.91 3.83 4.76
N ALA A 342 -38.71 4.26 6.01
CA ALA A 342 -39.79 4.85 6.80
C ALA A 342 -40.44 6.01 6.08
N ALA A 343 -39.64 6.78 5.37
CA ALA A 343 -40.09 7.95 4.63
C ALA A 343 -41.04 7.58 3.48
N SER A 344 -40.99 6.31 3.08
CA SER A 344 -41.85 5.82 2.01
C SER A 344 -42.83 4.81 2.59
N ASN A 345 -42.89 4.74 3.92
CA ASN A 345 -43.78 3.82 4.61
C ASN A 345 -43.53 2.36 4.26
N ILE A 346 -42.34 2.06 3.75
CA ILE A 346 -42.03 0.68 3.39
C ILE A 346 -41.49 -0.06 4.61
N VAL A 347 -42.08 -1.21 4.91
CA VAL A 347 -41.65 -2.00 6.04
C VAL A 347 -41.25 -3.38 5.55
N LEU A 348 -40.06 -3.83 5.96
CA LEU A 348 -39.55 -5.14 5.56
C LEU A 348 -39.03 -5.91 6.77
N PRO A 349 -39.34 -7.21 6.85
CA PRO A 349 -38.92 -8.08 7.95
C PRO A 349 -37.42 -8.03 8.18
N3 RBZ B . 5.58 1.05 -13.92
N1 RBZ B . 6.51 -0.86 -13.06
C2 RBZ B . 5.63 0.16 -12.91
C7A RBZ B . 7.10 -0.57 -14.33
C3A RBZ B . 6.51 0.61 -14.84
C4 RBZ B . 6.90 1.14 -16.12
C5 RBZ B . 7.91 0.47 -16.87
C6 RBZ B . 8.52 -0.74 -16.34
C7 RBZ B . 8.12 -1.25 -15.09
C8 RBZ B . 8.31 1.05 -18.24
C9 RBZ B . 9.61 -1.48 -17.12
P RBZ B . 10.50 -6.10 -11.70
O1P RBZ B . 10.82 -6.67 -10.34
O2P RBZ B . 10.34 -7.21 -12.68
O3P RBZ B . 11.59 -5.21 -12.15
O5' RBZ B . 9.14 -5.29 -11.62
C5' RBZ B . 9.00 -4.17 -10.72
C4' RBZ B . 8.98 -2.81 -11.43
O4' RBZ B . 7.98 -2.74 -12.52
C3' RBZ B . 8.62 -1.62 -10.58
O3' RBZ B . 9.20 -0.40 -11.09
C2' RBZ B . 7.09 -1.68 -10.67
O2' RBZ B . 6.57 -0.41 -10.25
C1' RBZ B . 6.81 -2.03 -12.14
#